data_3N1V
#
_entry.id   3N1V
#
_cell.length_a   111.372
_cell.length_b   111.372
_cell.length_c   77.512
_cell.angle_alpha   90.00
_cell.angle_beta   90.00
_cell.angle_gamma   90.00
#
_symmetry.space_group_name_H-M   'P 41 21 2'
#
loop_
_entity.id
_entity.type
_entity.pdbx_description
1 polymer 'FARNESYL PYROPHOSPHATE SYNTHASE'
2 non-polymer '(5-chloro-3-methyl-1-benzothiophen-2-yl)acetic acid'
3 non-polymer 'PHOSPHATE ION'
4 water water
#
_entity_poly.entity_id   1
_entity_poly.type   'polypeptide(L)'
_entity_poly.pdbx_seq_one_letter_code
;GPNSDVYAQEKQDFVQHFSQIVRVLTEDEMGHPEIGDAIARLKEVLEYNAIGGKYNRGLTVVVAFRELVEPRKQDADSLQ
RAWTVGWCVELLQAFFLVADDIMDSSLTRRGQICWYQKPGVGLDAINDANLLEACIYRLLKLYCREQPYYLNLIELFLQS
SYQTEIGQTLDLLTAPQGNVDLVRFTEKRYKSIVKYKTAFYSFYLPIAAAMYMAGIDGEKEHANAKKILLEMGEFFQIQD
DYLDLFGDPSVTGKIGTDIQDNKCSWLVVQCLQRATPEQYQILKENYGQKEAEKVARVKALYEELDLPAVFLQYEEDSYS
HIMALIEQYAAPLPPAVFLGLARKIYKRRK
;
_entity_poly.pdbx_strand_id   F
#
loop_
_chem_comp.id
_chem_comp.type
_chem_comp.name
_chem_comp.formula
3N1 non-polymer '(5-chloro-3-methyl-1-benzothiophen-2-yl)acetic acid' 'C11 H9 Cl O2 S'
PO4 non-polymer 'PHOSPHATE ION' 'O4 P -3'
#
# COMPACT_ATOMS: atom_id res chain seq x y z
N ASP A 5 -10.30 7.10 17.71
CA ASP A 5 -10.53 6.44 16.39
C ASP A 5 -10.50 4.92 16.53
N VAL A 6 -11.24 4.24 15.66
CA VAL A 6 -11.30 2.79 15.67
C VAL A 6 -9.90 2.20 15.47
N TYR A 7 -9.04 2.96 14.80
CA TYR A 7 -7.66 2.53 14.54
C TYR A 7 -6.75 2.88 15.72
N ALA A 8 -6.95 4.05 16.30
CA ALA A 8 -6.14 4.51 17.43
C ALA A 8 -6.18 3.57 18.64
N GLN A 9 -7.39 3.16 19.03
CA GLN A 9 -7.54 2.29 20.18
C GLN A 9 -7.05 0.87 19.89
N GLU A 10 -7.35 0.38 18.69
CA GLU A 10 -6.96 -0.97 18.31
C GLU A 10 -5.47 -1.08 18.00
N LYS A 11 -4.86 0.02 17.55
CA LYS A 11 -3.44 0.03 17.21
C LYS A 11 -2.54 -0.51 18.31
N GLN A 12 -2.97 -0.31 19.55
CA GLN A 12 -2.19 -0.76 20.69
C GLN A 12 -2.07 -2.27 20.74
N ASP A 13 -3.22 -2.96 20.67
CA ASP A 13 -3.24 -4.42 20.68
C ASP A 13 -2.59 -4.98 19.43
N PHE A 14 -2.53 -4.17 18.37
CA PHE A 14 -1.94 -4.61 17.11
C PHE A 14 -0.42 -4.65 17.24
N VAL A 15 0.18 -3.49 17.45
CA VAL A 15 1.62 -3.42 17.59
C VAL A 15 2.14 -4.30 18.72
N GLN A 16 1.30 -4.59 19.72
CA GLN A 16 1.73 -5.44 20.83
C GLN A 16 1.79 -6.91 20.40
N HIS A 17 0.95 -7.29 19.45
CA HIS A 17 0.93 -8.67 18.97
C HIS A 17 2.16 -9.00 18.12
N PHE A 18 2.85 -7.99 17.60
CA PHE A 18 4.02 -8.22 16.77
C PHE A 18 5.07 -9.06 17.51
N SER A 19 5.19 -8.79 18.81
CA SER A 19 6.16 -9.52 19.64
C SER A 19 5.91 -11.02 19.59
N GLN A 20 4.63 -11.40 19.58
CA GLN A 20 4.25 -12.81 19.53
C GLN A 20 4.57 -13.39 18.14
N ILE A 21 4.30 -12.60 17.10
CA ILE A 21 4.56 -13.00 15.71
C ILE A 21 6.04 -13.32 15.57
N VAL A 22 6.89 -12.42 16.04
CA VAL A 22 8.32 -12.67 15.95
C VAL A 22 8.71 -13.95 16.67
N ARG A 23 8.16 -14.13 17.87
CA ARG A 23 8.45 -15.30 18.70
C ARG A 23 8.12 -16.57 17.93
N VAL A 24 6.89 -16.65 17.43
CA VAL A 24 6.43 -17.80 16.68
C VAL A 24 7.27 -18.07 15.42
N LEU A 25 7.61 -17.02 14.68
CA LEU A 25 8.40 -17.19 13.45
C LEU A 25 9.86 -17.54 13.71
N THR A 26 10.34 -17.20 14.89
CA THR A 26 11.73 -17.50 15.21
C THR A 26 11.82 -18.55 16.30
N GLU A 27 10.87 -19.47 16.32
CA GLU A 27 10.86 -20.52 17.32
C GLU A 27 11.02 -21.91 16.70
N ASP A 28 11.14 -21.94 15.37
CA ASP A 28 11.32 -23.20 14.64
C ASP A 28 12.81 -23.52 14.71
N GLU A 29 13.53 -22.67 15.42
CA GLU A 29 14.97 -22.81 15.61
C GLU A 29 15.23 -23.64 16.87
N MET A 30 14.20 -23.77 17.70
CA MET A 30 14.28 -24.55 18.93
C MET A 30 14.51 -26.03 18.59
N GLY A 31 13.97 -26.46 17.45
CA GLY A 31 14.11 -27.84 17.04
C GLY A 31 15.15 -28.03 15.95
N HIS A 32 15.68 -26.92 15.44
CA HIS A 32 16.69 -26.94 14.38
C HIS A 32 17.76 -25.88 14.62
N PRO A 33 18.57 -26.03 15.68
CA PRO A 33 19.64 -25.09 16.04
C PRO A 33 20.64 -24.86 14.91
N GLU A 34 20.62 -25.74 13.91
CA GLU A 34 21.51 -25.63 12.76
C GLU A 34 21.28 -24.35 11.94
N ILE A 35 20.04 -23.90 11.89
CA ILE A 35 19.70 -22.69 11.15
C ILE A 35 19.60 -21.49 12.08
N GLY A 36 19.98 -21.69 13.33
CA GLY A 36 19.94 -20.64 14.33
C GLY A 36 20.37 -19.27 13.84
N ASP A 37 21.57 -19.19 13.25
CA ASP A 37 22.07 -17.91 12.76
C ASP A 37 21.17 -17.29 11.68
N ALA A 38 20.56 -18.13 10.85
CA ALA A 38 19.67 -17.64 9.81
C ALA A 38 18.42 -17.08 10.46
N ILE A 39 17.91 -17.79 11.46
CA ILE A 39 16.71 -17.36 12.16
C ILE A 39 16.93 -16.03 12.87
N ALA A 40 18.15 -15.81 13.34
CA ALA A 40 18.48 -14.57 14.03
C ALA A 40 18.49 -13.43 12.99
N ARG A 41 18.94 -13.73 11.77
CA ARG A 41 18.96 -12.73 10.72
C ARG A 41 17.50 -12.40 10.37
N LEU A 42 16.66 -13.42 10.29
CA LEU A 42 15.23 -13.24 9.98
C LEU A 42 14.57 -12.30 11.01
N LYS A 43 14.88 -12.51 12.28
CA LYS A 43 14.32 -11.67 13.33
C LYS A 43 14.70 -10.21 13.11
N GLU A 44 15.97 -9.97 12.81
CA GLU A 44 16.44 -8.63 12.56
C GLU A 44 15.75 -8.00 11.34
N VAL A 45 15.54 -8.80 10.30
CA VAL A 45 14.87 -8.33 9.09
C VAL A 45 13.44 -7.94 9.43
N LEU A 46 12.79 -8.74 10.27
CA LEU A 46 11.42 -8.46 10.67
C LEU A 46 11.25 -7.20 11.51
N GLU A 47 12.12 -7.04 12.49
CA GLU A 47 11.99 -5.90 13.37
C GLU A 47 12.34 -4.58 12.72
N TYR A 48 13.20 -4.62 11.72
CA TYR A 48 13.58 -3.41 11.05
C TYR A 48 12.61 -2.95 9.96
N ASN A 49 12.05 -3.90 9.23
CA ASN A 49 11.17 -3.57 8.12
C ASN A 49 9.66 -3.65 8.32
N ALA A 50 9.20 -4.41 9.29
CA ALA A 50 7.75 -4.51 9.52
C ALA A 50 7.26 -3.49 10.56
N ILE A 51 8.19 -2.84 11.26
CA ILE A 51 7.83 -1.87 12.28
C ILE A 51 8.27 -0.47 11.87
N GLY A 52 7.46 0.52 12.24
CA GLY A 52 7.81 1.90 11.92
C GLY A 52 6.83 2.61 11.01
N GLY A 53 5.91 1.86 10.41
CA GLY A 53 4.93 2.48 9.52
C GLY A 53 3.69 2.86 10.30
N LYS A 54 2.60 3.15 9.59
CA LYS A 54 1.35 3.54 10.24
C LYS A 54 0.42 2.36 10.47
N TYR A 55 0.69 1.24 9.79
CA TYR A 55 -0.10 0.01 9.89
C TYR A 55 -1.54 0.16 9.40
N ASN A 56 -1.78 1.09 8.48
CA ASN A 56 -3.13 1.29 7.97
C ASN A 56 -3.71 0.01 7.35
N ARG A 57 -2.91 -0.70 6.58
CA ARG A 57 -3.40 -1.92 5.96
C ARG A 57 -3.69 -3.04 6.96
N GLY A 58 -2.77 -3.27 7.88
CA GLY A 58 -2.98 -4.32 8.85
C GLY A 58 -4.18 -4.05 9.77
N LEU A 59 -4.25 -2.83 10.29
CA LEU A 59 -5.34 -2.44 11.19
C LEU A 59 -6.69 -2.55 10.51
N THR A 60 -6.71 -2.31 9.20
CA THR A 60 -7.95 -2.39 8.45
C THR A 60 -8.53 -3.79 8.53
N VAL A 61 -7.65 -4.80 8.57
CA VAL A 61 -8.11 -6.18 8.69
C VAL A 61 -8.79 -6.36 10.05
N VAL A 62 -8.19 -5.80 11.10
CA VAL A 62 -8.74 -5.94 12.45
C VAL A 62 -10.06 -5.18 12.62
N VAL A 63 -10.08 -3.94 12.18
CA VAL A 63 -11.27 -3.11 12.27
C VAL A 63 -12.42 -3.71 11.47
N ALA A 64 -12.15 -4.11 10.23
CA ALA A 64 -13.20 -4.69 9.41
C ALA A 64 -13.68 -6.00 10.02
N PHE A 65 -12.75 -6.77 10.58
CA PHE A 65 -13.15 -8.05 11.18
C PHE A 65 -14.18 -7.84 12.28
N ARG A 66 -13.95 -6.85 13.13
CA ARG A 66 -14.88 -6.56 14.22
C ARG A 66 -16.23 -6.03 13.76
N GLU A 67 -16.34 -5.59 12.51
CA GLU A 67 -17.61 -5.07 12.01
C GLU A 67 -18.34 -6.08 11.14
N LEU A 68 -17.65 -7.13 10.73
CA LEU A 68 -18.28 -8.14 9.89
C LEU A 68 -18.66 -9.38 10.67
N VAL A 69 -18.07 -9.53 11.85
CA VAL A 69 -18.33 -10.68 12.71
C VAL A 69 -19.08 -10.27 13.97
N GLU A 70 -20.03 -11.11 14.38
CA GLU A 70 -20.83 -10.84 15.58
C GLU A 70 -19.95 -10.75 16.82
N PRO A 71 -20.24 -9.78 17.69
CA PRO A 71 -19.52 -9.52 18.93
C PRO A 71 -19.22 -10.74 19.80
N ARG A 72 -20.08 -11.75 19.76
CA ARG A 72 -19.86 -12.94 20.58
C ARG A 72 -18.94 -13.94 19.90
N LYS A 73 -18.88 -13.90 18.57
CA LYS A 73 -18.02 -14.81 17.84
C LYS A 73 -16.57 -14.30 17.83
N GLN A 74 -16.38 -13.14 18.43
CA GLN A 74 -15.05 -12.55 18.51
C GLN A 74 -14.34 -13.01 19.78
N ASP A 75 -14.08 -14.31 19.89
CA ASP A 75 -13.40 -14.84 21.06
C ASP A 75 -11.90 -14.54 20.98
N ALA A 76 -11.17 -14.98 22.00
CA ALA A 76 -9.72 -14.74 22.06
C ALA A 76 -8.98 -15.29 20.85
N ASP A 77 -9.31 -16.51 20.44
CA ASP A 77 -8.64 -17.13 19.29
C ASP A 77 -8.98 -16.47 17.95
N SER A 78 -10.24 -16.08 17.76
CA SER A 78 -10.65 -15.43 16.52
C SER A 78 -9.97 -14.08 16.35
N LEU A 79 -9.86 -13.33 17.43
CA LEU A 79 -9.21 -12.03 17.38
C LEU A 79 -7.71 -12.22 17.20
N GLN A 80 -7.17 -13.28 17.79
CA GLN A 80 -5.76 -13.60 17.68
C GLN A 80 -5.43 -13.80 16.20
N ARG A 81 -6.30 -14.54 15.50
CA ARG A 81 -6.13 -14.81 14.10
C ARG A 81 -6.27 -13.53 13.28
N ALA A 82 -7.20 -12.66 13.68
CA ALA A 82 -7.39 -11.41 12.95
C ALA A 82 -6.15 -10.55 13.02
N TRP A 83 -5.53 -10.48 14.20
CA TRP A 83 -4.31 -9.70 14.37
C TRP A 83 -3.17 -10.30 13.55
N THR A 84 -3.16 -11.63 13.45
CA THR A 84 -2.11 -12.31 12.72
C THR A 84 -2.25 -12.03 11.22
N VAL A 85 -3.45 -12.16 10.70
CA VAL A 85 -3.70 -11.92 9.29
C VAL A 85 -3.41 -10.45 8.99
N GLY A 86 -3.68 -9.57 9.96
CA GLY A 86 -3.39 -8.16 9.79
C GLY A 86 -1.88 -8.00 9.70
N TRP A 87 -1.16 -8.76 10.51
CA TRP A 87 0.27 -8.65 10.42
C TRP A 87 0.79 -9.28 9.12
N CYS A 88 0.05 -10.21 8.53
CA CYS A 88 0.46 -10.81 7.26
C CYS A 88 0.42 -9.75 6.17
N VAL A 89 -0.60 -8.89 6.24
CA VAL A 89 -0.72 -7.83 5.27
C VAL A 89 0.47 -6.89 5.41
N GLU A 90 0.89 -6.63 6.65
CA GLU A 90 2.04 -5.75 6.86
C GLU A 90 3.35 -6.36 6.36
N LEU A 91 3.49 -7.68 6.45
CA LEU A 91 4.70 -8.35 5.98
C LEU A 91 4.74 -8.27 4.44
N LEU A 92 3.58 -8.40 3.81
CA LEU A 92 3.50 -8.30 2.35
C LEU A 92 4.00 -6.89 2.02
N GLN A 93 3.51 -5.92 2.78
CA GLN A 93 3.92 -4.54 2.59
C GLN A 93 5.44 -4.42 2.77
N ALA A 94 5.97 -5.01 3.84
CA ALA A 94 7.40 -4.95 4.11
C ALA A 94 8.20 -5.59 2.95
N PHE A 95 7.69 -6.72 2.43
CA PHE A 95 8.32 -7.43 1.30
C PHE A 95 8.42 -6.46 0.12
N PHE A 96 7.30 -5.81 -0.25
CA PHE A 96 7.31 -4.87 -1.37
C PHE A 96 8.27 -3.68 -1.18
N LEU A 97 8.25 -3.07 0.00
CA LEU A 97 9.09 -1.91 0.25
C LEU A 97 10.57 -2.19 0.20
N VAL A 98 10.99 -3.29 0.81
CA VAL A 98 12.39 -3.62 0.80
C VAL A 98 12.89 -3.79 -0.63
N ALA A 99 12.13 -4.56 -1.42
CA ALA A 99 12.47 -4.80 -2.81
C ALA A 99 12.41 -3.52 -3.64
N ASP A 100 11.32 -2.76 -3.50
CA ASP A 100 11.14 -1.50 -4.25
C ASP A 100 12.25 -0.47 -3.97
N ASP A 101 12.66 -0.35 -2.70
CA ASP A 101 13.72 0.60 -2.37
C ASP A 101 15.01 0.25 -3.08
N ILE A 102 15.25 -1.06 -3.22
CA ILE A 102 16.44 -1.51 -3.93
C ILE A 102 16.33 -1.15 -5.41
N MET A 103 15.23 -1.57 -6.04
CA MET A 103 15.06 -1.31 -7.46
C MET A 103 15.10 0.17 -7.87
N ASP A 104 14.68 1.08 -7.02
CA ASP A 104 14.74 2.48 -7.43
C ASP A 104 15.84 3.25 -6.73
N SER A 105 16.77 2.52 -6.11
CA SER A 105 17.90 3.11 -5.43
C SER A 105 17.54 4.17 -4.41
N SER A 106 16.54 3.91 -3.57
CA SER A 106 16.17 4.88 -2.57
C SER A 106 17.23 4.91 -1.47
N LEU A 107 17.24 5.99 -0.70
CA LEU A 107 18.21 6.13 0.38
C LEU A 107 17.57 5.91 1.73
N THR A 108 16.37 6.44 1.93
CA THR A 108 15.66 6.31 3.18
C THR A 108 14.21 5.85 2.99
N ARG A 109 13.63 5.37 4.07
CA ARG A 109 12.26 4.87 4.09
C ARG A 109 11.73 5.04 5.51
N ARG A 110 10.57 5.68 5.64
CA ARG A 110 9.96 5.91 6.95
C ARG A 110 10.95 6.70 7.82
N GLY A 111 11.73 7.56 7.17
CA GLY A 111 12.70 8.37 7.86
C GLY A 111 14.08 7.75 8.07
N GLN A 112 14.11 6.42 8.24
CA GLN A 112 15.36 5.71 8.48
C GLN A 112 16.01 5.23 7.18
N ILE A 113 17.25 4.76 7.31
CA ILE A 113 18.02 4.27 6.18
C ILE A 113 17.36 3.01 5.61
N CYS A 114 17.22 2.93 4.29
CA CYS A 114 16.62 1.74 3.69
C CYS A 114 17.46 0.53 4.09
N TRP A 115 16.77 -0.55 4.45
CA TRP A 115 17.43 -1.77 4.85
C TRP A 115 18.66 -2.14 3.99
N TYR A 116 18.49 -2.18 2.66
CA TYR A 116 19.63 -2.57 1.82
C TYR A 116 20.80 -1.61 1.90
N GLN A 117 20.56 -0.36 2.29
CA GLN A 117 21.65 0.61 2.40
C GLN A 117 22.41 0.42 3.72
N LYS A 118 21.89 -0.42 4.62
CA LYS A 118 22.58 -0.65 5.90
C LYS A 118 23.87 -1.43 5.67
N PRO A 119 24.93 -1.09 6.43
CA PRO A 119 26.25 -1.73 6.35
C PRO A 119 26.12 -3.24 6.46
N GLY A 120 26.74 -3.97 5.55
CA GLY A 120 26.65 -5.41 5.62
C GLY A 120 25.36 -6.02 5.06
N VAL A 121 24.47 -5.22 4.46
CA VAL A 121 23.25 -5.80 3.89
C VAL A 121 23.36 -5.77 2.35
N GLY A 122 23.28 -4.61 1.73
CA GLY A 122 23.40 -4.57 0.28
C GLY A 122 22.37 -5.43 -0.46
N LEU A 123 22.79 -6.09 -1.53
CA LEU A 123 21.90 -6.91 -2.32
C LEU A 123 21.38 -8.15 -1.59
N ASP A 124 21.95 -8.46 -0.44
CA ASP A 124 21.45 -9.60 0.32
C ASP A 124 20.00 -9.31 0.71
N ALA A 125 19.62 -8.03 0.66
CA ALA A 125 18.26 -7.64 1.02
C ALA A 125 17.25 -8.28 0.06
N ILE A 126 17.72 -8.75 -1.08
CA ILE A 126 16.79 -9.40 -1.99
C ILE A 126 16.31 -10.69 -1.35
N ASN A 127 17.21 -11.43 -0.70
CA ASN A 127 16.77 -12.66 -0.05
C ASN A 127 15.95 -12.33 1.20
N ASP A 128 16.31 -11.25 1.91
CA ASP A 128 15.56 -10.84 3.09
C ASP A 128 14.13 -10.49 2.69
N ALA A 129 13.98 -9.78 1.57
CA ALA A 129 12.65 -9.44 1.09
C ALA A 129 11.85 -10.74 0.84
N ASN A 130 12.45 -11.73 0.19
CA ASN A 130 11.72 -12.98 -0.07
C ASN A 130 11.34 -13.72 1.23
N LEU A 131 12.19 -13.63 2.26
CA LEU A 131 11.87 -14.26 3.55
C LEU A 131 10.62 -13.64 4.19
N LEU A 132 10.49 -12.32 4.07
CA LEU A 132 9.35 -11.63 4.61
C LEU A 132 8.09 -12.16 3.96
N GLU A 133 8.16 -12.33 2.65
CA GLU A 133 7.01 -12.86 1.91
C GLU A 133 6.69 -14.28 2.39
N ALA A 134 7.72 -15.10 2.54
CA ALA A 134 7.56 -16.47 3.00
C ALA A 134 6.89 -16.53 4.39
N CYS A 135 7.25 -15.60 5.27
CA CYS A 135 6.67 -15.60 6.61
C CYS A 135 5.16 -15.48 6.59
N ILE A 136 4.62 -14.79 5.59
CA ILE A 136 3.19 -14.66 5.49
C ILE A 136 2.54 -16.05 5.54
N TYR A 137 2.97 -16.91 4.64
CA TYR A 137 2.39 -18.25 4.54
C TYR A 137 2.68 -19.14 5.74
N ARG A 138 3.79 -18.89 6.42
CA ARG A 138 4.10 -19.67 7.61
C ARG A 138 3.09 -19.28 8.71
N LEU A 139 2.77 -17.98 8.80
CA LEU A 139 1.81 -17.51 9.80
C LEU A 139 0.39 -18.01 9.53
N LEU A 140 0.01 -17.98 8.26
CA LEU A 140 -1.31 -18.45 7.87
C LEU A 140 -1.48 -19.93 8.27
N LYS A 141 -0.45 -20.73 8.00
CA LYS A 141 -0.49 -22.14 8.34
C LYS A 141 -0.53 -22.39 9.84
N LEU A 142 0.28 -21.63 10.57
CA LEU A 142 0.37 -21.75 12.02
C LEU A 142 -0.87 -21.27 12.77
N TYR A 143 -1.64 -20.37 12.16
CA TYR A 143 -2.82 -19.82 12.81
C TYR A 143 -4.17 -20.11 12.17
N CYS A 144 -4.19 -20.47 10.89
CA CYS A 144 -5.47 -20.68 10.23
C CYS A 144 -5.61 -22.00 9.50
N ARG A 145 -4.61 -22.86 9.67
CA ARG A 145 -4.59 -24.17 9.03
C ARG A 145 -5.91 -24.91 9.16
N GLU A 146 -6.52 -24.85 10.34
CA GLU A 146 -7.77 -25.57 10.56
C GLU A 146 -9.04 -24.80 10.21
N GLN A 147 -8.89 -23.55 9.79
CA GLN A 147 -10.05 -22.74 9.45
C GLN A 147 -10.56 -23.00 8.04
N PRO A 148 -11.88 -22.88 7.83
CA PRO A 148 -12.49 -23.11 6.51
C PRO A 148 -12.08 -22.09 5.45
N TYR A 149 -11.53 -20.96 5.88
CA TYR A 149 -11.12 -19.92 4.94
C TYR A 149 -9.61 -19.97 4.63
N TYR A 150 -8.93 -21.01 5.12
CA TYR A 150 -7.49 -21.17 4.93
C TYR A 150 -7.04 -20.99 3.48
N LEU A 151 -7.52 -21.87 2.60
CA LEU A 151 -7.15 -21.81 1.21
C LEU A 151 -7.52 -20.46 0.60
N ASN A 152 -8.65 -19.90 1.01
CA ASN A 152 -9.08 -18.60 0.47
C ASN A 152 -8.06 -17.51 0.77
N LEU A 153 -7.53 -17.48 1.99
CA LEU A 153 -6.54 -16.48 2.36
C LEU A 153 -5.22 -16.69 1.63
N ILE A 154 -4.79 -17.94 1.49
CA ILE A 154 -3.54 -18.24 0.79
C ILE A 154 -3.61 -17.68 -0.63
N GLU A 155 -4.68 -18.01 -1.35
CA GLU A 155 -4.87 -17.55 -2.71
C GLU A 155 -5.02 -16.03 -2.83
N LEU A 156 -5.67 -15.43 -1.84
CA LEU A 156 -5.86 -13.98 -1.83
C LEU A 156 -4.48 -13.31 -1.73
N PHE A 157 -3.65 -13.79 -0.80
CA PHE A 157 -2.32 -13.24 -0.64
C PHE A 157 -1.43 -13.50 -1.86
N LEU A 158 -1.51 -14.69 -2.44
CA LEU A 158 -0.73 -15.03 -3.65
C LEU A 158 -1.21 -14.13 -4.77
N GLN A 159 -2.53 -14.01 -4.91
CA GLN A 159 -3.07 -13.13 -5.96
C GLN A 159 -2.65 -11.66 -5.76
N SER A 160 -2.63 -11.18 -4.52
CA SER A 160 -2.23 -9.79 -4.26
C SER A 160 -0.78 -9.54 -4.65
N SER A 161 0.08 -10.54 -4.45
CA SER A 161 1.48 -10.41 -4.80
C SER A 161 1.60 -10.32 -6.32
N TYR A 162 0.97 -11.25 -7.02
CA TYR A 162 1.00 -11.27 -8.48
C TYR A 162 0.53 -9.91 -9.04
N GLN A 163 -0.64 -9.45 -8.57
CA GLN A 163 -1.20 -8.18 -9.03
C GLN A 163 -0.26 -7.02 -8.80
N THR A 164 0.31 -6.97 -7.60
CA THR A 164 1.24 -5.90 -7.27
C THR A 164 2.51 -6.00 -8.12
N GLU A 165 2.97 -7.21 -8.41
CA GLU A 165 4.19 -7.36 -9.21
C GLU A 165 3.98 -6.98 -10.67
N ILE A 166 2.78 -7.23 -11.17
CA ILE A 166 2.41 -6.89 -12.53
C ILE A 166 2.37 -5.37 -12.60
N GLY A 167 1.84 -4.77 -11.54
CA GLY A 167 1.75 -3.32 -11.46
C GLY A 167 3.12 -2.69 -11.39
N GLN A 168 4.05 -3.34 -10.70
CA GLN A 168 5.39 -2.80 -10.57
C GLN A 168 6.07 -2.90 -11.96
N THR A 169 5.81 -3.99 -12.66
CA THR A 169 6.37 -4.18 -14.01
C THR A 169 5.89 -3.01 -14.86
N LEU A 170 4.58 -2.78 -14.84
CA LEU A 170 4.00 -1.70 -15.61
C LEU A 170 4.69 -0.39 -15.27
N ASP A 171 4.78 -0.09 -13.98
CA ASP A 171 5.43 1.13 -13.52
C ASP A 171 6.91 1.20 -13.99
N LEU A 172 7.61 0.08 -14.00
CA LEU A 172 9.02 0.11 -14.45
C LEU A 172 9.12 0.40 -15.95
N LEU A 173 8.22 -0.20 -16.71
CA LEU A 173 8.16 -0.02 -18.16
C LEU A 173 7.71 1.39 -18.53
N THR A 174 6.98 2.03 -17.61
CA THR A 174 6.47 3.36 -17.88
C THR A 174 7.47 4.47 -17.61
N ALA A 175 8.24 4.33 -16.54
CA ALA A 175 9.24 5.33 -16.19
C ALA A 175 10.62 4.71 -16.05
N PRO A 176 11.19 4.23 -17.17
CA PRO A 176 12.52 3.61 -17.16
C PRO A 176 13.58 4.57 -16.63
N GLN A 177 14.40 4.10 -15.69
CA GLN A 177 15.47 4.93 -15.13
C GLN A 177 16.52 5.24 -16.20
N GLY A 178 16.23 6.23 -17.02
CA GLY A 178 17.15 6.60 -18.09
C GLY A 178 16.41 6.99 -19.35
N ASN A 179 15.12 7.28 -19.19
CA ASN A 179 14.26 7.67 -20.30
C ASN A 179 13.15 8.60 -19.84
N VAL A 180 13.38 9.90 -19.99
CA VAL A 180 12.41 10.90 -19.59
C VAL A 180 11.38 11.11 -20.69
N ASP A 181 10.75 10.02 -21.13
CA ASP A 181 9.74 10.10 -22.18
C ASP A 181 8.35 10.29 -21.59
N LEU A 182 7.92 11.55 -21.56
CA LEU A 182 6.61 11.88 -21.01
C LEU A 182 5.47 11.40 -21.91
N VAL A 183 5.83 10.86 -23.08
CA VAL A 183 4.81 10.39 -24.01
C VAL A 183 4.00 9.21 -23.44
N ARG A 184 4.64 8.37 -22.63
CA ARG A 184 3.92 7.23 -22.07
C ARG A 184 3.17 7.53 -20.77
N PHE A 185 3.26 8.77 -20.31
CA PHE A 185 2.56 9.16 -19.08
C PHE A 185 1.12 9.52 -19.37
N THR A 186 0.34 8.54 -19.81
CA THR A 186 -1.06 8.76 -20.12
C THR A 186 -1.95 8.48 -18.91
N GLU A 187 -3.22 8.87 -19.02
CA GLU A 187 -4.16 8.67 -17.92
C GLU A 187 -4.53 7.20 -17.76
N LYS A 188 -4.68 6.49 -18.88
CA LYS A 188 -5.01 5.08 -18.81
C LYS A 188 -3.89 4.28 -18.18
N ARG A 189 -2.64 4.62 -18.52
CA ARG A 189 -1.49 3.90 -17.97
C ARG A 189 -1.38 4.19 -16.47
N TYR A 190 -1.63 5.44 -16.11
CA TYR A 190 -1.57 5.86 -14.70
C TYR A 190 -2.56 5.07 -13.86
N LYS A 191 -3.81 4.99 -14.33
CA LYS A 191 -4.88 4.29 -13.63
C LYS A 191 -4.63 2.79 -13.54
N SER A 192 -4.00 2.23 -14.57
CA SER A 192 -3.68 0.80 -14.57
C SER A 192 -2.59 0.52 -13.53
N ILE A 193 -1.58 1.39 -13.48
CA ILE A 193 -0.48 1.24 -12.53
C ILE A 193 -0.98 1.30 -11.10
N VAL A 194 -1.77 2.33 -10.81
CA VAL A 194 -2.36 2.50 -9.48
C VAL A 194 -3.18 1.27 -9.11
N LYS A 195 -4.05 0.85 -10.01
CA LYS A 195 -4.90 -0.29 -9.73
C LYS A 195 -4.15 -1.57 -9.35
N TYR A 196 -3.20 -1.98 -10.20
CA TYR A 196 -2.45 -3.21 -9.94
C TYR A 196 -1.36 -3.10 -8.89
N LYS A 197 -0.57 -2.03 -8.96
CA LYS A 197 0.53 -1.85 -8.04
C LYS A 197 0.18 -1.40 -6.63
N THR A 198 -0.93 -0.68 -6.47
CA THR A 198 -1.29 -0.17 -5.14
C THR A 198 -2.69 -0.47 -4.60
N ALA A 199 -3.71 -0.22 -5.40
CA ALA A 199 -5.10 -0.42 -4.98
C ALA A 199 -5.47 -1.83 -4.52
N PHE A 200 -5.10 -2.83 -5.30
CA PHE A 200 -5.46 -4.19 -4.94
C PHE A 200 -4.97 -4.62 -3.55
N TYR A 201 -3.67 -4.52 -3.30
CA TYR A 201 -3.16 -4.97 -1.97
C TYR A 201 -3.34 -3.98 -0.84
N SER A 202 -3.49 -2.70 -1.16
CA SER A 202 -3.64 -1.70 -0.10
C SER A 202 -5.07 -1.56 0.42
N PHE A 203 -6.06 -1.74 -0.45
CA PHE A 203 -7.43 -1.57 0.00
C PHE A 203 -8.32 -2.79 -0.13
N TYR A 204 -8.23 -3.49 -1.26
CA TYR A 204 -9.05 -4.68 -1.42
C TYR A 204 -8.59 -5.81 -0.50
N LEU A 205 -7.30 -6.13 -0.55
CA LEU A 205 -6.76 -7.23 0.25
C LEU A 205 -7.17 -7.24 1.72
N PRO A 206 -6.95 -6.14 2.46
CA PRO A 206 -7.31 -6.06 3.87
C PRO A 206 -8.81 -6.33 4.11
N ILE A 207 -9.68 -5.70 3.33
CA ILE A 207 -11.10 -5.91 3.49
C ILE A 207 -11.47 -7.36 3.09
N ALA A 208 -10.97 -7.81 1.94
CA ALA A 208 -11.23 -9.18 1.46
C ALA A 208 -10.83 -10.23 2.50
N ALA A 209 -9.71 -9.99 3.17
CA ALA A 209 -9.24 -10.93 4.17
C ALA A 209 -10.25 -11.04 5.30
N ALA A 210 -10.63 -9.89 5.85
CA ALA A 210 -11.61 -9.86 6.95
C ALA A 210 -12.89 -10.54 6.47
N MET A 211 -13.32 -10.23 5.26
CA MET A 211 -14.51 -10.86 4.74
C MET A 211 -14.41 -12.39 4.83
N TYR A 212 -13.34 -12.98 4.29
CA TYR A 212 -13.23 -14.45 4.34
C TYR A 212 -13.23 -14.97 5.77
N MET A 213 -12.54 -14.27 6.67
CA MET A 213 -12.49 -14.70 8.06
C MET A 213 -13.86 -14.59 8.70
N ALA A 214 -14.73 -13.78 8.11
CA ALA A 214 -16.07 -13.59 8.62
C ALA A 214 -17.04 -14.60 8.00
N GLY A 215 -16.55 -15.34 7.01
CA GLY A 215 -17.40 -16.33 6.36
C GLY A 215 -17.98 -15.84 5.05
N ILE A 216 -17.66 -14.60 4.70
CA ILE A 216 -18.17 -14.01 3.46
C ILE A 216 -17.19 -14.32 2.33
N ASP A 217 -17.48 -15.38 1.58
CA ASP A 217 -16.62 -15.80 0.49
C ASP A 217 -17.32 -15.73 -0.85
N GLY A 218 -18.53 -15.19 -0.85
CA GLY A 218 -19.29 -15.06 -2.07
C GLY A 218 -18.53 -14.32 -3.14
N GLU A 219 -18.50 -14.90 -4.34
CA GLU A 219 -17.80 -14.29 -5.46
C GLU A 219 -18.41 -12.94 -5.84
N LYS A 220 -19.71 -12.79 -5.62
CA LYS A 220 -20.40 -11.55 -5.96
C LYS A 220 -20.13 -10.47 -4.90
N GLU A 221 -20.08 -10.89 -3.64
CA GLU A 221 -19.82 -9.97 -2.54
C GLU A 221 -18.40 -9.41 -2.68
N HIS A 222 -17.46 -10.26 -3.08
CA HIS A 222 -16.09 -9.82 -3.23
C HIS A 222 -15.98 -8.92 -4.43
N ALA A 223 -16.74 -9.24 -5.47
CA ALA A 223 -16.71 -8.42 -6.68
C ALA A 223 -17.26 -7.02 -6.39
N ASN A 224 -18.27 -6.92 -5.52
CA ASN A 224 -18.82 -5.61 -5.22
C ASN A 224 -17.88 -4.82 -4.32
N ALA A 225 -17.28 -5.48 -3.34
CA ALA A 225 -16.36 -4.79 -2.45
C ALA A 225 -15.18 -4.26 -3.28
N LYS A 226 -14.71 -5.05 -4.23
CA LYS A 226 -13.59 -4.63 -5.07
C LYS A 226 -13.92 -3.38 -5.89
N LYS A 227 -15.15 -3.31 -6.40
CA LYS A 227 -15.58 -2.17 -7.18
C LYS A 227 -15.41 -0.89 -6.38
N ILE A 228 -15.81 -0.95 -5.11
CA ILE A 228 -15.70 0.21 -4.25
C ILE A 228 -14.27 0.51 -3.84
N LEU A 229 -13.58 -0.51 -3.32
CA LEU A 229 -12.22 -0.41 -2.84
C LEU A 229 -11.18 0.04 -3.87
N LEU A 230 -11.27 -0.45 -5.09
CA LEU A 230 -10.32 -0.06 -6.12
C LEU A 230 -10.52 1.44 -6.44
N GLU A 231 -11.75 1.94 -6.33
CA GLU A 231 -12.00 3.37 -6.58
C GLU A 231 -11.38 4.20 -5.45
N MET A 232 -11.49 3.70 -4.23
CA MET A 232 -10.90 4.41 -3.11
C MET A 232 -9.37 4.44 -3.29
N GLY A 233 -8.80 3.31 -3.71
CA GLY A 233 -7.36 3.24 -3.94
C GLY A 233 -6.93 4.26 -4.99
N GLU A 234 -7.72 4.38 -6.05
CA GLU A 234 -7.41 5.34 -7.10
C GLU A 234 -7.39 6.74 -6.52
N PHE A 235 -8.39 7.09 -5.72
CA PHE A 235 -8.43 8.44 -5.13
C PHE A 235 -7.26 8.61 -4.15
N PHE A 236 -6.96 7.56 -3.40
CA PHE A 236 -5.85 7.63 -2.45
C PHE A 236 -4.53 8.03 -3.13
N GLN A 237 -4.17 7.35 -4.21
CA GLN A 237 -2.93 7.65 -4.90
C GLN A 237 -2.92 9.05 -5.53
N ILE A 238 -4.05 9.40 -6.15
CA ILE A 238 -4.16 10.72 -6.77
C ILE A 238 -3.97 11.80 -5.70
N GLN A 239 -4.62 11.67 -4.56
CA GLN A 239 -4.47 12.66 -3.50
C GLN A 239 -3.03 12.65 -2.98
N ASP A 240 -2.43 11.47 -2.92
CA ASP A 240 -1.05 11.32 -2.46
C ASP A 240 -0.07 12.03 -3.42
N ASP A 241 -0.34 11.95 -4.73
CA ASP A 241 0.51 12.62 -5.71
C ASP A 241 0.34 14.13 -5.56
N TYR A 242 -0.91 14.58 -5.41
CA TYR A 242 -1.16 16.00 -5.24
C TYR A 242 -0.45 16.53 -3.99
N LEU A 243 -0.60 15.84 -2.87
CA LEU A 243 0.03 16.28 -1.63
C LEU A 243 1.55 16.23 -1.66
N ASP A 244 2.11 15.39 -2.52
CA ASP A 244 3.56 15.28 -2.61
C ASP A 244 4.19 16.64 -2.95
N LEU A 245 3.50 17.42 -3.77
CA LEU A 245 3.99 18.74 -4.17
C LEU A 245 3.35 19.91 -3.43
N PHE A 246 2.03 19.93 -3.44
CA PHE A 246 1.29 21.01 -2.80
C PHE A 246 1.00 20.77 -1.32
N GLY A 247 1.42 19.62 -0.80
CA GLY A 247 1.18 19.32 0.60
C GLY A 247 2.20 19.98 1.51
N ASP A 248 1.86 20.08 2.79
CA ASP A 248 2.75 20.69 3.78
C ASP A 248 3.50 19.63 4.59
N PRO A 249 4.83 19.53 4.38
CA PRO A 249 5.69 18.55 5.07
C PRO A 249 5.46 18.46 6.58
N SER A 250 5.04 19.58 7.17
CA SER A 250 4.76 19.64 8.60
C SER A 250 3.56 18.79 8.94
N VAL A 251 2.59 18.76 8.04
CA VAL A 251 1.37 17.99 8.26
C VAL A 251 1.51 16.59 7.68
N THR A 252 1.81 16.51 6.38
CA THR A 252 1.98 15.23 5.71
C THR A 252 3.03 14.38 6.37
N GLY A 253 4.14 15.02 6.76
CA GLY A 253 5.21 14.29 7.39
C GLY A 253 6.21 13.73 6.40
N LYS A 254 6.31 14.36 5.22
CA LYS A 254 7.24 13.93 4.19
C LYS A 254 7.47 15.00 3.14
N ILE A 255 8.67 15.02 2.56
CA ILE A 255 9.01 16.00 1.54
C ILE A 255 8.86 15.41 0.16
N GLY A 256 8.11 16.09 -0.69
CA GLY A 256 7.88 15.60 -2.04
C GLY A 256 9.08 15.58 -2.95
N THR A 257 9.17 14.55 -3.78
CA THR A 257 10.27 14.42 -4.73
C THR A 257 9.86 13.78 -6.04
N ASP A 258 8.55 13.62 -6.25
CA ASP A 258 8.06 13.02 -7.49
C ASP A 258 8.60 13.74 -8.72
N ILE A 259 8.74 15.06 -8.64
CA ILE A 259 9.23 15.84 -9.78
C ILE A 259 10.69 15.51 -10.07
N GLN A 260 11.51 15.48 -9.03
CA GLN A 260 12.92 15.17 -9.19
C GLN A 260 13.13 13.69 -9.53
N ASP A 261 12.16 12.85 -9.22
CA ASP A 261 12.27 11.42 -9.48
C ASP A 261 11.65 10.99 -10.80
N ASN A 262 11.16 11.98 -11.55
CA ASN A 262 10.53 11.73 -12.84
C ASN A 262 9.36 10.74 -12.74
N LYS A 263 8.70 10.74 -11.59
CA LYS A 263 7.57 9.82 -11.37
C LYS A 263 6.38 10.13 -12.27
N CYS A 264 5.61 9.10 -12.58
CA CYS A 264 4.41 9.26 -13.39
C CYS A 264 3.28 9.65 -12.43
N SER A 265 3.33 10.89 -11.95
CA SER A 265 2.35 11.42 -11.02
C SER A 265 1.05 11.86 -11.70
N TRP A 266 -0.04 11.86 -10.96
CA TRP A 266 -1.33 12.29 -11.50
C TRP A 266 -1.17 13.74 -11.99
N LEU A 267 -0.39 14.52 -11.26
CA LEU A 267 -0.17 15.91 -11.63
C LEU A 267 0.43 16.04 -13.02
N VAL A 268 1.54 15.34 -13.28
CA VAL A 268 2.18 15.40 -14.58
C VAL A 268 1.24 14.88 -15.67
N VAL A 269 0.43 13.88 -15.35
CA VAL A 269 -0.51 13.32 -16.31
C VAL A 269 -1.52 14.38 -16.74
N GLN A 270 -2.04 15.13 -15.76
CA GLN A 270 -3.00 16.18 -16.03
C GLN A 270 -2.31 17.30 -16.79
N CYS A 271 -1.14 17.70 -16.31
CA CYS A 271 -0.36 18.74 -16.94
C CYS A 271 -0.11 18.42 -18.42
N LEU A 272 0.01 17.14 -18.75
CA LEU A 272 0.24 16.72 -20.13
C LEU A 272 -1.01 16.82 -21.00
N GLN A 273 -2.18 16.78 -20.38
CA GLN A 273 -3.42 16.88 -21.14
C GLN A 273 -3.81 18.34 -21.32
N ARG A 274 -3.38 19.18 -20.37
CA ARG A 274 -3.69 20.60 -20.39
C ARG A 274 -2.42 21.43 -20.61
N ALA A 275 -1.76 21.21 -21.74
CA ALA A 275 -0.54 21.95 -22.02
C ALA A 275 -0.38 22.26 -23.50
N THR A 276 0.15 23.45 -23.78
CA THR A 276 0.38 23.89 -25.15
C THR A 276 1.78 23.47 -25.56
N PRO A 277 2.04 23.41 -26.87
CA PRO A 277 3.36 23.02 -27.40
C PRO A 277 4.52 23.65 -26.65
N GLU A 278 4.36 24.89 -26.23
CA GLU A 278 5.42 25.60 -25.51
C GLU A 278 5.49 25.18 -24.04
N GLN A 279 4.32 25.00 -23.41
CA GLN A 279 4.27 24.60 -22.01
C GLN A 279 4.89 23.22 -21.84
N TYR A 280 4.62 22.33 -22.80
CA TYR A 280 5.15 20.98 -22.77
C TYR A 280 6.67 20.95 -22.78
N GLN A 281 7.26 21.81 -23.58
CA GLN A 281 8.71 21.89 -23.68
C GLN A 281 9.34 22.23 -22.34
N ILE A 282 8.75 23.20 -21.64
CA ILE A 282 9.25 23.60 -20.33
C ILE A 282 9.25 22.39 -19.40
N LEU A 283 8.17 21.61 -19.49
CA LEU A 283 8.02 20.41 -18.66
C LEU A 283 9.05 19.37 -19.04
N LYS A 284 9.20 19.16 -20.35
CA LYS A 284 10.15 18.18 -20.87
C LYS A 284 11.60 18.57 -20.63
N GLU A 285 11.81 19.79 -20.15
CA GLU A 285 13.16 20.30 -19.89
C GLU A 285 13.39 20.65 -18.42
N ASN A 286 12.47 20.24 -17.55
CA ASN A 286 12.60 20.54 -16.13
C ASN A 286 12.09 19.41 -15.25
N TYR A 287 11.65 18.31 -15.86
CA TYR A 287 11.13 17.17 -15.11
C TYR A 287 12.20 16.10 -14.94
N GLY A 288 12.42 15.67 -13.70
CA GLY A 288 13.42 14.66 -13.42
C GLY A 288 14.79 15.27 -13.18
N GLN A 289 14.80 16.54 -12.81
CA GLN A 289 16.03 17.24 -12.54
C GLN A 289 16.16 17.57 -11.06
N LYS A 290 17.37 17.44 -10.54
CA LYS A 290 17.61 17.72 -9.13
C LYS A 290 17.62 19.22 -8.82
N GLU A 291 17.93 20.04 -9.82
CA GLU A 291 17.96 21.48 -9.63
C GLU A 291 16.65 22.00 -9.03
N ALA A 292 16.76 22.60 -7.85
CA ALA A 292 15.60 23.14 -7.16
C ALA A 292 14.93 24.22 -8.01
N GLU A 293 15.72 24.88 -8.84
CA GLU A 293 15.20 25.94 -9.69
C GLU A 293 14.35 25.36 -10.82
N LYS A 294 14.72 24.18 -11.30
CA LYS A 294 13.97 23.55 -12.38
C LYS A 294 12.69 22.93 -11.83
N VAL A 295 12.77 22.39 -10.61
CA VAL A 295 11.62 21.79 -9.97
C VAL A 295 10.53 22.85 -9.76
N ALA A 296 10.94 24.00 -9.24
CA ALA A 296 10.01 25.10 -8.99
C ALA A 296 9.37 25.55 -10.30
N ARG A 297 10.10 25.36 -11.39
CA ARG A 297 9.60 25.74 -12.70
C ARG A 297 8.43 24.85 -13.08
N VAL A 298 8.47 23.60 -12.64
CA VAL A 298 7.41 22.63 -12.92
C VAL A 298 6.19 22.96 -12.05
N LYS A 299 6.44 23.26 -10.79
CA LYS A 299 5.36 23.60 -9.88
C LYS A 299 4.62 24.82 -10.39
N ALA A 300 5.38 25.78 -10.95
CA ALA A 300 4.80 27.00 -11.50
C ALA A 300 3.86 26.66 -12.65
N LEU A 301 4.32 25.80 -13.55
CA LEU A 301 3.51 25.40 -14.70
C LEU A 301 2.21 24.75 -14.23
N TYR A 302 2.31 23.92 -13.18
CA TYR A 302 1.13 23.24 -12.64
C TYR A 302 0.08 24.25 -12.18
N GLU A 303 0.51 25.19 -11.34
CA GLU A 303 -0.42 26.19 -10.84
C GLU A 303 -0.95 27.02 -12.00
N GLU A 304 -0.08 27.30 -12.96
CA GLU A 304 -0.48 28.08 -14.12
C GLU A 304 -1.62 27.36 -14.83
N LEU A 305 -1.61 26.04 -14.78
CA LEU A 305 -2.67 25.25 -15.41
C LEU A 305 -3.80 24.96 -14.43
N ASP A 306 -3.77 25.64 -13.29
CA ASP A 306 -4.79 25.47 -12.25
C ASP A 306 -5.06 24.00 -11.87
N LEU A 307 -3.98 23.25 -11.65
CA LEU A 307 -4.10 21.85 -11.28
C LEU A 307 -4.70 21.69 -9.89
N PRO A 308 -4.29 22.55 -8.93
CA PRO A 308 -4.85 22.43 -7.58
C PRO A 308 -6.38 22.54 -7.61
N ALA A 309 -6.89 23.30 -8.56
CA ALA A 309 -8.33 23.48 -8.70
C ALA A 309 -8.89 22.22 -9.34
N VAL A 310 -8.14 21.67 -10.30
CA VAL A 310 -8.54 20.45 -10.97
C VAL A 310 -8.64 19.31 -9.94
N PHE A 311 -7.68 19.25 -9.02
CA PHE A 311 -7.68 18.20 -7.98
C PHE A 311 -8.88 18.34 -7.04
N LEU A 312 -9.17 19.58 -6.67
CA LEU A 312 -10.30 19.86 -5.79
C LEU A 312 -11.57 19.40 -6.47
N GLN A 313 -11.71 19.74 -7.75
CA GLN A 313 -12.90 19.35 -8.51
C GLN A 313 -12.97 17.83 -8.59
N TYR A 314 -11.81 17.18 -8.70
CA TYR A 314 -11.78 15.73 -8.79
C TYR A 314 -12.09 15.10 -7.43
N GLU A 315 -11.64 15.72 -6.35
CA GLU A 315 -11.92 15.15 -5.05
C GLU A 315 -13.43 15.14 -4.77
N GLU A 316 -14.12 16.19 -5.21
CA GLU A 316 -15.56 16.31 -5.03
C GLU A 316 -16.33 15.27 -5.82
N ASP A 317 -15.99 15.13 -7.09
CA ASP A 317 -16.65 14.14 -7.93
C ASP A 317 -16.36 12.74 -7.40
N SER A 318 -15.11 12.48 -7.02
CA SER A 318 -14.72 11.17 -6.50
C SER A 318 -15.49 10.83 -5.24
N TYR A 319 -15.64 11.81 -4.36
CA TYR A 319 -16.37 11.57 -3.13
C TYR A 319 -17.82 11.16 -3.47
N SER A 320 -18.46 11.92 -4.35
CA SER A 320 -19.84 11.62 -4.75
C SER A 320 -19.97 10.23 -5.35
N HIS A 321 -19.05 9.91 -6.26
CA HIS A 321 -19.07 8.60 -6.90
C HIS A 321 -18.87 7.48 -5.89
N ILE A 322 -17.92 7.65 -4.97
CA ILE A 322 -17.67 6.63 -3.97
C ILE A 322 -18.91 6.40 -3.11
N MET A 323 -19.54 7.47 -2.67
CA MET A 323 -20.75 7.35 -1.84
C MET A 323 -21.84 6.64 -2.64
N ALA A 324 -21.87 6.87 -3.95
CA ALA A 324 -22.87 6.21 -4.77
C ALA A 324 -22.51 4.73 -4.84
N LEU A 325 -21.22 4.44 -5.02
CA LEU A 325 -20.79 3.06 -5.09
C LEU A 325 -21.10 2.32 -3.80
N ILE A 326 -20.89 2.99 -2.67
CA ILE A 326 -21.16 2.39 -1.37
C ILE A 326 -22.67 2.12 -1.21
N GLU A 327 -23.48 3.09 -1.65
CA GLU A 327 -24.94 2.96 -1.55
C GLU A 327 -25.46 1.82 -2.42
N GLN A 328 -24.75 1.53 -3.51
CA GLN A 328 -25.16 0.47 -4.41
C GLN A 328 -24.51 -0.90 -4.21
N TYR A 329 -23.26 -0.95 -3.79
CA TYR A 329 -22.58 -2.24 -3.62
C TYR A 329 -22.21 -2.68 -2.21
N ALA A 330 -22.44 -1.82 -1.22
CA ALA A 330 -22.11 -2.16 0.15
C ALA A 330 -22.78 -3.45 0.62
N ALA A 331 -24.12 -3.49 0.54
CA ALA A 331 -24.88 -4.67 0.98
C ALA A 331 -24.36 -5.97 0.36
N PRO A 332 -24.41 -7.07 1.13
CA PRO A 332 -24.92 -7.15 2.50
C PRO A 332 -23.96 -6.71 3.59
N LEU A 333 -22.85 -6.09 3.22
CA LEU A 333 -21.89 -5.65 4.23
C LEU A 333 -22.34 -4.33 4.87
N PRO A 334 -21.89 -4.06 6.10
CA PRO A 334 -22.25 -2.82 6.80
C PRO A 334 -21.59 -1.64 6.09
N PRO A 335 -22.38 -0.64 5.70
CA PRO A 335 -21.80 0.51 5.01
C PRO A 335 -20.67 1.15 5.80
N ALA A 336 -20.74 1.07 7.12
CA ALA A 336 -19.73 1.66 7.99
C ALA A 336 -18.32 1.13 7.68
N VAL A 337 -18.26 -0.06 7.11
CA VAL A 337 -16.98 -0.66 6.78
C VAL A 337 -16.29 0.23 5.75
N PHE A 338 -17.00 0.54 4.69
CA PHE A 338 -16.45 1.38 3.64
C PHE A 338 -16.41 2.85 4.05
N LEU A 339 -17.44 3.31 4.75
CA LEU A 339 -17.50 4.71 5.18
C LEU A 339 -16.31 5.05 6.07
N GLY A 340 -15.93 4.10 6.93
CA GLY A 340 -14.79 4.33 7.81
C GLY A 340 -13.52 4.52 7.00
N LEU A 341 -13.37 3.78 5.90
CA LEU A 341 -12.17 3.91 5.08
C LEU A 341 -12.16 5.26 4.39
N ALA A 342 -13.30 5.63 3.83
CA ALA A 342 -13.45 6.89 3.12
C ALA A 342 -13.08 8.08 4.02
N ARG A 343 -13.59 8.08 5.24
CA ARG A 343 -13.32 9.15 6.18
C ARG A 343 -11.83 9.26 6.50
N LYS A 344 -11.16 8.13 6.52
CA LYS A 344 -9.73 8.09 6.79
C LYS A 344 -8.95 8.64 5.60
N ILE A 345 -9.39 8.29 4.39
CA ILE A 345 -8.73 8.72 3.17
C ILE A 345 -9.06 10.15 2.71
N TYR A 346 -10.34 10.50 2.69
CA TYR A 346 -10.76 11.83 2.27
C TYR A 346 -10.55 12.90 3.33
N LYS A 347 -9.42 13.59 3.25
CA LYS A 347 -9.06 14.65 4.19
C LYS A 347 -8.90 14.10 5.61
CL1 3N1 B . -8.27 3.41 5.73
C2 3N1 B . -6.83 3.02 4.90
C3 3N1 B . -5.85 4.01 4.68
C5 3N1 B . -4.73 3.63 3.98
C6 3N1 B . -4.55 2.31 3.54
S7 3N1 B . -3.03 1.98 2.70
C8 3N1 B . -2.62 3.72 2.97
C9 3N1 B . -3.54 4.46 3.62
C10 3N1 B . -3.44 5.94 3.94
C14 3N1 B . -1.33 4.30 2.49
C17 3N1 B . -0.25 3.93 3.50
O18 3N1 B . 0.86 3.60 3.13
O19 3N1 B . -0.58 4.00 4.80
C21 3N1 B . -5.51 1.33 3.77
C23 3N1 B . -6.67 1.69 4.46
CL1 3N1 C . -12.53 18.64 -1.83
C2 3N1 C . -13.90 18.40 -0.80
C3 3N1 C . -14.10 17.17 -0.12
C5 3N1 C . -15.23 17.07 0.69
C6 3N1 C . -16.14 18.11 0.81
S7 3N1 C . -17.53 17.82 1.84
C8 3N1 C . -16.84 16.19 2.20
C9 3N1 C . -15.68 15.90 1.56
C10 3N1 C . -14.89 14.61 1.66
C14 3N1 C . -17.52 15.25 3.17
C17 3N1 C . -17.18 15.72 4.58
O18 3N1 C . -17.86 16.53 5.20
O19 3N1 C . -16.08 15.20 5.13
C21 3N1 C . -15.95 19.33 0.13
C23 3N1 C . -14.81 19.46 -0.66
P PO4 D . 3.65 2.68 5.62
O1 PO4 D . 3.22 3.09 4.27
O2 PO4 D . 5.06 3.13 5.84
O3 PO4 D . 2.77 3.30 6.65
O4 PO4 D . 3.58 1.21 5.73
#